data_3UAY
#
_entry.id   3UAY
#
_cell.length_a   122.200
_cell.length_b   122.200
_cell.length_c   68.200
_cell.angle_alpha   90.000
_cell.angle_beta   90.000
_cell.angle_gamma   120.000
#
_symmetry.space_group_name_H-M   'P 63 2 2'
#
loop_
_entity.id
_entity.type
_entity.pdbx_description
1 polymer 'Purine nucleoside phosphorylase deoD-type'
2 non-polymer ADENOSINE
3 non-polymer 'SULFATE ION'
4 non-polymer GLYCEROL
5 water water
#
_entity_poly.entity_id   1
_entity_poly.type   'polypeptide(L)'
_entity_poly.pdbx_seq_one_letter_code
;MSVHIEAKQGEIAESILLPGDPLRAKYIAETFLEDVTCYNNVRGMLGFTGTYKGKRVSVQGTGMGVPSISIYVNELIQSY
GVKNLIRVGTCGAIQKDVKVRDVIIAMTACTDSNMNRLTFPGFDFAPAANFDLLKKAYDAGTEKGLHVRVGNVLTADVFY
RESMDMVKKLGDYGVLAVEMETTALYTLAAKYGVNALSVLTVSNHIFTGEETTSEERQTTFNEMIEIALDAAIQQ
;
_entity_poly.pdbx_strand_id   A
#
loop_
_chem_comp.id
_chem_comp.type
_chem_comp.name
_chem_comp.formula
ADN non-polymer ADENOSINE 'C10 H13 N5 O4'
GOL non-polymer GLYCEROL 'C3 H8 O3'
SO4 non-polymer 'SULFATE ION' 'O4 S -2'
#
# COMPACT_ATOMS: atom_id res chain seq x y z
N SER A 2 -7.70 -19.73 -3.04
CA SER A 2 -8.79 -18.91 -3.55
C SER A 2 -8.68 -18.84 -5.07
N VAL A 3 -9.56 -18.11 -5.73
CA VAL A 3 -9.58 -18.15 -7.19
C VAL A 3 -8.25 -17.68 -7.79
N HIS A 4 -7.64 -16.65 -7.20
CA HIS A 4 -6.46 -16.05 -7.79
C HIS A 4 -5.17 -16.25 -6.98
N ILE A 5 -5.26 -17.01 -5.89
CA ILE A 5 -4.11 -17.30 -5.03
C ILE A 5 -4.10 -18.81 -4.74
N GLU A 6 -2.99 -19.47 -5.03
CA GLU A 6 -2.91 -20.93 -4.89
C GLU A 6 -2.41 -21.42 -3.54
N ALA A 7 -2.27 -20.52 -2.58
CA ALA A 7 -1.77 -20.86 -1.26
C ALA A 7 -2.72 -21.78 -0.50
N LYS A 8 -2.14 -22.65 0.30
CA LYS A 8 -2.91 -23.38 1.29
C LYS A 8 -3.26 -22.48 2.47
N GLN A 9 -4.37 -22.82 3.11
CA GLN A 9 -4.75 -22.23 4.37
C GLN A 9 -3.58 -22.21 5.34
N GLY A 10 -3.32 -21.05 5.94
CA GLY A 10 -2.25 -20.93 6.91
C GLY A 10 -0.90 -20.51 6.34
N GLU A 11 -0.75 -20.51 5.01
CA GLU A 11 0.53 -20.15 4.39
C GLU A 11 0.77 -18.64 4.31
N ILE A 12 -0.29 -17.86 4.45
CA ILE A 12 -0.20 -16.40 4.39
C ILE A 12 -0.33 -15.84 5.79
N ALA A 13 0.60 -14.96 6.17
CA ALA A 13 0.60 -14.37 7.51
C ALA A 13 -0.52 -13.38 7.70
N GLU A 14 -0.84 -13.08 8.95
CA GLU A 14 -1.93 -12.16 9.26
C GLU A 14 -1.59 -10.72 8.95
N SER A 15 -0.30 -10.40 8.87
CA SER A 15 0.17 -9.08 8.45
C SER A 15 0.79 -9.19 7.08
N ILE A 16 0.44 -8.29 6.18
CA ILE A 16 0.87 -8.40 4.80
C ILE A 16 1.14 -7.02 4.21
N LEU A 17 2.22 -6.93 3.44
CA LEU A 17 2.55 -5.78 2.61
C LEU A 17 2.04 -6.03 1.19
N LEU A 18 1.52 -4.97 0.58
CA LEU A 18 0.85 -5.05 -0.71
C LEU A 18 1.42 -4.05 -1.73
N PRO A 19 2.59 -4.37 -2.30
CA PRO A 19 3.05 -3.60 -3.45
C PRO A 19 2.19 -3.85 -4.68
N GLY A 20 2.10 -2.88 -5.59
CA GLY A 20 1.39 -3.10 -6.83
C GLY A 20 2.12 -4.05 -7.74
N ASP A 21 3.45 -3.95 -7.75
CA ASP A 21 4.30 -4.72 -8.67
C ASP A 21 4.71 -6.04 -8.04
N PRO A 22 4.38 -7.19 -8.66
CA PRO A 22 4.79 -8.46 -8.05
C PRO A 22 6.31 -8.61 -7.97
N LEU A 23 7.06 -7.96 -8.88
CA LEU A 23 8.50 -8.03 -8.80
C LEU A 23 9.03 -7.24 -7.61
N ARG A 24 8.28 -6.25 -7.15
CA ARG A 24 8.63 -5.57 -5.89
C ARG A 24 8.33 -6.45 -4.68
N ALA A 25 7.29 -7.27 -4.76
CA ALA A 25 7.08 -8.27 -3.71
C ALA A 25 8.28 -9.18 -3.59
N LYS A 26 8.80 -9.65 -4.72
CA LYS A 26 9.99 -10.48 -4.73
C LYS A 26 11.19 -9.74 -4.14
N TYR A 27 11.40 -8.50 -4.55
CA TYR A 27 12.49 -7.69 -4.00
C TYR A 27 12.38 -7.52 -2.49
N ILE A 28 11.17 -7.22 -2.02
CA ILE A 28 10.96 -7.04 -0.59
C ILE A 28 11.26 -8.33 0.19
N ALA A 29 10.75 -9.47 -0.30
CA ALA A 29 10.99 -10.74 0.36
C ALA A 29 12.48 -11.06 0.40
N GLU A 30 13.17 -10.90 -0.72
CA GLU A 30 14.57 -11.27 -0.80
C GLU A 30 15.45 -10.32 0.01
N THR A 31 15.05 -9.06 0.11
CA THR A 31 15.88 -8.04 0.74
C THR A 31 15.69 -8.00 2.24
N PHE A 32 14.46 -8.19 2.72
CA PHE A 32 14.16 -7.96 4.11
C PHE A 32 13.80 -9.19 4.94
N LEU A 33 13.35 -10.26 4.30
CA LEU A 33 12.78 -11.37 5.04
C LEU A 33 13.72 -12.57 5.11
N GLU A 34 13.53 -13.37 6.15
CA GLU A 34 14.23 -14.64 6.28
C GLU A 34 13.23 -15.79 6.18
N ASP A 35 13.73 -17.01 5.97
CA ASP A 35 12.89 -18.21 5.96
C ASP A 35 11.70 -18.00 5.02
N VAL A 36 12.03 -17.58 3.80
CA VAL A 36 11.02 -17.19 2.82
C VAL A 36 10.51 -18.35 1.98
N THR A 37 9.20 -18.39 1.80
N THR A 37 9.19 -18.37 1.80
CA THR A 37 8.66 -19.26 0.79
CA THR A 37 8.49 -19.31 0.92
C THR A 37 7.83 -18.40 -0.13
C THR A 37 7.60 -18.54 -0.06
N CYS A 38 7.65 -18.90 -1.34
CA CYS A 38 6.75 -18.30 -2.32
C CYS A 38 5.48 -19.14 -2.34
N TYR A 39 4.35 -18.54 -1.95
CA TYR A 39 3.09 -19.27 -1.88
C TYR A 39 2.19 -19.07 -3.09
N ASN A 40 2.51 -18.15 -4.00
CA ASN A 40 1.66 -17.92 -5.16
C ASN A 40 2.44 -17.48 -6.39
N ASN A 41 2.09 -18.07 -7.53
CA ASN A 41 2.54 -17.57 -8.83
C ASN A 41 1.41 -17.55 -9.85
N VAL A 42 0.17 -17.71 -9.42
CA VAL A 42 -0.97 -17.59 -10.32
C VAL A 42 -0.95 -16.19 -10.96
N ARG A 43 -1.08 -16.12 -12.29
CA ARG A 43 -1.03 -14.89 -13.06
C ARG A 43 0.25 -14.09 -12.85
N GLY A 44 1.28 -14.77 -12.39
CA GLY A 44 2.53 -14.10 -12.09
C GLY A 44 2.47 -13.17 -10.89
N MET A 45 1.38 -13.24 -10.13
CA MET A 45 1.19 -12.28 -9.05
C MET A 45 1.80 -12.81 -7.75
N LEU A 46 3.12 -12.69 -7.71
CA LEU A 46 3.93 -13.30 -6.68
C LEU A 46 3.51 -12.91 -5.29
N GLY A 47 3.49 -13.90 -4.40
CA GLY A 47 3.28 -13.72 -3.00
C GLY A 47 4.24 -14.57 -2.20
N PHE A 48 4.73 -14.01 -1.10
CA PHE A 48 5.75 -14.64 -0.26
C PHE A 48 5.41 -14.51 1.22
N THR A 49 5.87 -15.47 2.01
CA THR A 49 5.83 -15.36 3.47
C THR A 49 7.21 -15.63 4.01
N GLY A 50 7.61 -14.84 4.99
CA GLY A 50 8.88 -15.02 5.66
C GLY A 50 8.83 -14.40 7.02
N THR A 51 10.00 -14.13 7.57
N THR A 51 9.98 -14.24 7.64
CA THR A 51 10.14 -13.56 8.89
CA THR A 51 10.02 -13.79 9.01
C THR A 51 10.96 -12.26 8.86
C THR A 51 10.69 -12.43 9.08
N TYR A 52 10.54 -11.27 9.64
N TYR A 52 10.14 -11.55 9.91
CA TYR A 52 11.25 -10.01 9.78
CA TYR A 52 10.74 -10.25 10.14
C TYR A 52 11.40 -9.69 11.26
C TYR A 52 10.69 -9.98 11.61
N LYS A 53 12.64 -9.59 11.70
N LYS A 53 11.87 -9.79 12.22
CA LYS A 53 12.95 -9.44 13.12
CA LYS A 53 11.98 -9.49 13.64
C LYS A 53 12.20 -10.46 13.94
C LYS A 53 11.12 -10.42 14.49
N GLY A 54 12.15 -11.68 13.40
N GLY A 54 11.11 -11.71 14.13
CA GLY A 54 11.58 -12.81 14.11
CA GLY A 54 10.42 -12.71 14.94
C GLY A 54 10.08 -12.99 13.97
C GLY A 54 8.98 -13.00 14.54
N LYS A 55 9.39 -12.05 13.33
N LYS A 55 8.47 -12.24 13.57
CA LYS A 55 7.93 -12.11 13.22
CA LYS A 55 7.09 -12.38 13.15
C LYS A 55 7.50 -12.47 11.80
C LYS A 55 6.99 -12.88 11.71
N ARG A 56 6.59 -13.42 11.65
N ARG A 56 6.02 -13.74 11.44
CA ARG A 56 6.07 -13.80 10.33
CA ARG A 56 5.72 -14.10 10.07
C ARG A 56 5.33 -12.64 9.70
C ARG A 56 4.95 -12.98 9.45
N VAL A 57 5.55 -12.45 8.40
N VAL A 57 5.37 -12.63 8.25
CA VAL A 57 4.89 -11.41 7.64
CA VAL A 57 4.74 -11.58 7.49
C VAL A 57 4.90 -11.85 6.17
C VAL A 57 4.70 -12.06 6.06
N SER A 58 3.91 -11.39 5.41
N SER A 58 3.68 -11.60 5.34
CA SER A 58 3.82 -11.75 3.99
CA SER A 58 3.58 -11.89 3.92
C SER A 58 3.91 -10.51 3.11
C SER A 58 3.76 -10.60 3.13
N VAL A 59 4.03 -10.77 1.82
N VAL A 59 4.20 -10.75 1.88
CA VAL A 59 4.09 -9.71 0.82
CA VAL A 59 4.31 -9.63 0.95
C VAL A 59 3.49 -10.24 -0.47
C VAL A 59 3.91 -10.13 -0.43
N GLN A 60 2.52 -9.50 -1.01
N GLN A 60 2.98 -9.46 -1.09
CA GLN A 60 1.67 -9.95 -2.09
CA GLN A 60 2.53 -9.90 -2.40
C GLN A 60 1.47 -8.84 -3.11
C GLN A 60 2.05 -8.76 -3.27
N GLY A 61 1.85 -9.10 -4.36
N GLY A 61 2.13 -8.98 -4.57
CA GLY A 61 1.56 -8.15 -5.41
CA GLY A 61 1.65 -8.01 -5.54
C GLY A 61 0.06 -7.98 -5.57
C GLY A 61 0.14 -7.98 -5.69
N THR A 62 -0.37 -6.78 -6.00
CA THR A 62 -1.79 -6.56 -6.20
C THR A 62 -2.20 -6.28 -7.64
N GLY A 63 -1.22 -5.92 -8.47
CA GLY A 63 -1.53 -5.35 -9.76
C GLY A 63 -2.00 -3.91 -9.61
N MET A 64 -2.35 -3.32 -10.74
CA MET A 64 -2.68 -1.89 -10.79
C MET A 64 -4.16 -1.68 -10.94
N GLY A 65 -4.72 -0.75 -10.17
CA GLY A 65 -6.09 -0.35 -10.26
C GLY A 65 -7.00 -0.99 -9.22
N VAL A 66 -8.07 -0.25 -8.96
CA VAL A 66 -9.08 -0.67 -7.98
C VAL A 66 -9.58 -2.11 -8.23
N PRO A 67 -9.90 -2.49 -9.48
CA PRO A 67 -10.45 -3.82 -9.65
C PRO A 67 -9.45 -4.93 -9.34
N SER A 68 -8.19 -4.73 -9.66
CA SER A 68 -7.18 -5.74 -9.42
C SER A 68 -6.91 -5.89 -7.92
N ILE A 69 -6.64 -4.77 -7.23
CA ILE A 69 -6.35 -4.88 -5.82
C ILE A 69 -7.58 -5.41 -5.07
N SER A 70 -8.78 -5.06 -5.52
CA SER A 70 -9.99 -5.54 -4.84
C SER A 70 -10.07 -7.05 -4.87
N ILE A 71 -9.69 -7.67 -5.99
CA ILE A 71 -9.69 -9.13 -6.05
C ILE A 71 -8.78 -9.70 -4.98
N TYR A 72 -7.54 -9.22 -4.92
CA TYR A 72 -6.57 -9.80 -3.99
C TYR A 72 -6.93 -9.52 -2.54
N VAL A 73 -7.39 -8.30 -2.25
CA VAL A 73 -7.73 -7.96 -0.88
C VAL A 73 -8.94 -8.76 -0.40
N ASN A 74 -9.97 -8.91 -1.24
CA ASN A 74 -11.10 -9.76 -0.84
C ASN A 74 -10.62 -11.16 -0.50
N GLU A 75 -9.77 -11.74 -1.33
CA GLU A 75 -9.35 -13.12 -1.10
C GLU A 75 -8.48 -13.24 0.13
N LEU A 76 -7.56 -12.30 0.32
CA LEU A 76 -6.69 -12.32 1.49
C LEU A 76 -7.48 -12.25 2.79
N ILE A 77 -8.47 -11.36 2.83
CA ILE A 77 -9.25 -11.16 4.03
C ILE A 77 -10.20 -12.34 4.24
N GLN A 78 -10.95 -12.70 3.21
CA GLN A 78 -12.06 -13.65 3.37
C GLN A 78 -11.60 -15.10 3.35
N SER A 79 -10.58 -15.43 2.58
CA SER A 79 -10.10 -16.81 2.49
C SER A 79 -8.86 -17.11 3.31
N TYR A 80 -8.04 -16.11 3.59
CA TYR A 80 -6.78 -16.35 4.30
C TYR A 80 -6.66 -15.68 5.66
N GLY A 81 -7.71 -14.97 6.08
CA GLY A 81 -7.74 -14.46 7.44
C GLY A 81 -6.76 -13.36 7.76
N VAL A 82 -6.37 -12.59 6.76
N VAL A 82 -6.31 -12.61 6.75
CA VAL A 82 -5.43 -11.51 6.94
CA VAL A 82 -5.37 -11.53 7.05
C VAL A 82 -6.06 -10.36 7.73
C VAL A 82 -6.08 -10.45 7.84
N LYS A 83 -5.29 -9.76 8.65
CA LYS A 83 -5.81 -8.78 9.61
C LYS A 83 -5.21 -7.38 9.47
N ASN A 84 -3.99 -7.28 8.97
CA ASN A 84 -3.29 -6.01 8.83
C ASN A 84 -2.69 -5.94 7.45
N LEU A 85 -3.12 -4.97 6.67
CA LEU A 85 -2.76 -4.87 5.26
C LEU A 85 -2.17 -3.50 5.02
N ILE A 86 -0.92 -3.46 4.57
CA ILE A 86 -0.27 -2.19 4.29
C ILE A 86 0.18 -2.15 2.85
N ARG A 87 -0.49 -1.34 2.05
CA ARG A 87 -0.02 -1.09 0.69
C ARG A 87 1.28 -0.29 0.74
N VAL A 88 2.25 -0.73 -0.05
CA VAL A 88 3.52 -0.06 -0.17
C VAL A 88 3.76 0.18 -1.63
N GLY A 89 3.68 1.42 -2.03
CA GLY A 89 3.63 1.67 -3.46
C GLY A 89 4.28 2.97 -3.79
N THR A 90 3.96 3.42 -4.99
CA THR A 90 4.42 4.68 -5.50
C THR A 90 3.22 5.58 -5.83
N CYS A 91 3.51 6.85 -6.03
CA CYS A 91 2.49 7.82 -6.40
C CYS A 91 3.13 8.98 -7.13
N GLY A 92 2.30 9.78 -7.79
CA GLY A 92 2.72 10.95 -8.54
C GLY A 92 2.25 12.20 -7.83
N ALA A 93 3.16 13.11 -7.49
CA ALA A 93 2.79 14.32 -6.77
C ALA A 93 1.96 15.25 -7.64
N ILE A 94 0.94 15.86 -7.05
CA ILE A 94 0.18 16.88 -7.75
C ILE A 94 0.71 18.27 -7.40
N GLN A 95 0.97 18.49 -6.12
CA GLN A 95 1.35 19.81 -5.59
C GLN A 95 2.84 20.05 -5.71
N LYS A 96 3.20 21.31 -5.93
CA LYS A 96 4.61 21.68 -6.02
C LYS A 96 5.31 21.41 -4.70
N ASP A 97 4.59 21.54 -3.59
CA ASP A 97 5.22 21.42 -2.30
C ASP A 97 5.46 19.96 -1.88
N VAL A 98 4.92 19.02 -2.66
CA VAL A 98 5.23 17.60 -2.47
C VAL A 98 6.38 17.23 -3.39
N LYS A 99 7.41 16.63 -2.82
CA LYS A 99 8.63 16.36 -3.55
C LYS A 99 8.83 14.88 -3.83
N VAL A 100 9.47 14.59 -4.96
CA VAL A 100 9.91 13.24 -5.24
C VAL A 100 10.78 12.75 -4.07
N ARG A 101 10.55 11.50 -3.70
CA ARG A 101 11.15 10.81 -2.56
C ARG A 101 10.48 11.09 -1.22
N ASP A 102 9.48 11.97 -1.19
CA ASP A 102 8.67 12.08 0.02
C ASP A 102 7.91 10.77 0.21
N VAL A 103 7.58 10.47 1.45
CA VAL A 103 6.73 9.35 1.79
C VAL A 103 5.38 9.92 2.20
N ILE A 104 4.33 9.47 1.54
N ILE A 104 4.35 9.42 1.54
CA ILE A 104 2.98 9.90 1.89
CA ILE A 104 2.97 9.80 1.80
C ILE A 104 2.22 8.76 2.54
C ILE A 104 2.29 8.68 2.60
N ILE A 105 1.63 9.05 3.69
CA ILE A 105 0.77 8.12 4.40
C ILE A 105 -0.64 8.63 4.17
N ALA A 106 -1.46 7.84 3.49
CA ALA A 106 -2.80 8.28 3.14
C ALA A 106 -3.78 8.19 4.29
N MET A 107 -4.30 9.32 4.74
N MET A 107 -4.34 9.30 4.71
CA MET A 107 -5.38 9.33 5.73
CA MET A 107 -5.36 9.25 5.73
C MET A 107 -6.66 8.81 5.11
C MET A 107 -6.71 8.88 5.13
N THR A 108 -6.89 9.22 3.86
CA THR A 108 -8.11 8.94 3.12
C THR A 108 -7.77 9.08 1.64
N ALA A 109 -8.74 8.81 0.78
CA ALA A 109 -8.54 8.90 -0.67
C ALA A 109 -9.78 9.37 -1.36
N CYS A 110 -9.58 10.27 -2.32
CA CYS A 110 -10.58 10.65 -3.28
C CYS A 110 -10.56 9.63 -4.41
N THR A 111 -11.57 9.60 -5.27
CA THR A 111 -11.52 8.70 -6.42
C THR A 111 -12.43 9.13 -7.54
N ASP A 112 -12.07 8.71 -8.76
CA ASP A 112 -13.00 8.75 -9.87
C ASP A 112 -13.59 7.38 -10.18
N SER A 113 -13.30 6.39 -9.35
CA SER A 113 -13.97 5.09 -9.45
C SER A 113 -15.44 5.19 -9.05
N ASN A 114 -16.27 4.33 -9.64
CA ASN A 114 -17.67 4.20 -9.27
C ASN A 114 -17.88 3.17 -8.16
N MET A 115 -16.81 2.56 -7.63
CA MET A 115 -17.04 1.39 -6.78
C MET A 115 -17.91 1.73 -5.56
N ASN A 116 -17.70 2.88 -4.95
CA ASN A 116 -18.45 3.20 -3.75
C ASN A 116 -19.77 3.86 -4.02
N ARG A 117 -19.90 4.54 -5.15
CA ARG A 117 -21.22 5.07 -5.52
C ARG A 117 -22.21 3.95 -5.77
N LEU A 118 -21.75 2.80 -6.24
N LEU A 118 -21.75 2.81 -6.27
CA LEU A 118 -22.63 1.68 -6.45
CA LEU A 118 -22.63 1.66 -6.41
C LEU A 118 -23.08 1.06 -5.11
C LEU A 118 -23.12 1.22 -5.06
N THR A 119 -22.19 1.07 -4.13
CA THR A 119 -22.48 0.53 -2.81
C THR A 119 -23.33 1.46 -1.94
N PHE A 120 -23.12 2.77 -2.09
CA PHE A 120 -23.78 3.78 -1.28
C PHE A 120 -24.41 4.82 -2.21
N PRO A 121 -25.46 4.44 -2.93
CA PRO A 121 -26.02 5.36 -3.91
C PRO A 121 -26.44 6.70 -3.30
N GLY A 122 -26.02 7.79 -3.93
CA GLY A 122 -26.33 9.12 -3.45
C GLY A 122 -25.37 9.67 -2.42
N PHE A 123 -24.40 8.89 -1.96
CA PHE A 123 -23.44 9.30 -0.96
C PHE A 123 -22.02 9.38 -1.51
N ASP A 124 -21.22 10.26 -0.94
CA ASP A 124 -19.78 10.23 -1.07
C ASP A 124 -19.24 9.46 0.12
N PHE A 125 -18.66 8.30 -0.12
CA PHE A 125 -17.98 7.52 0.91
C PHE A 125 -16.53 7.92 0.94
N ALA A 126 -16.06 8.31 2.12
CA ALA A 126 -14.67 8.67 2.33
C ALA A 126 -13.94 7.53 3.01
N PRO A 127 -13.10 6.81 2.27
CA PRO A 127 -12.42 5.65 2.87
C PRO A 127 -11.33 6.11 3.81
N ALA A 128 -11.24 5.52 4.99
CA ALA A 128 -10.36 5.97 6.04
C ALA A 128 -9.33 4.92 6.40
N ALA A 129 -8.09 5.35 6.62
CA ALA A 129 -7.05 4.49 7.16
C ALA A 129 -7.39 4.05 8.56
N ASN A 130 -6.84 2.93 8.99
CA ASN A 130 -6.84 2.61 10.40
C ASN A 130 -5.91 3.56 11.15
N PHE A 131 -6.43 4.34 12.09
CA PHE A 131 -5.61 5.32 12.77
C PHE A 131 -4.45 4.73 13.54
N ASP A 132 -4.67 3.60 14.21
N ASP A 132 -4.69 3.59 14.20
CA ASP A 132 -3.58 3.05 15.00
CA ASP A 132 -3.63 2.93 14.96
C ASP A 132 -2.39 2.60 14.11
C ASP A 132 -2.42 2.66 14.08
N LEU A 133 -2.66 2.01 12.95
CA LEU A 133 -1.59 1.71 12.00
C LEU A 133 -0.97 2.99 11.48
N LEU A 134 -1.79 3.97 11.13
CA LEU A 134 -1.30 5.23 10.64
C LEU A 134 -0.32 5.87 11.62
N LYS A 135 -0.69 5.93 12.89
CA LYS A 135 0.16 6.56 13.91
C LYS A 135 1.45 5.78 14.04
N LYS A 136 1.38 4.45 14.04
N LYS A 136 1.37 4.46 13.98
CA LYS A 136 2.61 3.66 14.16
CA LYS A 136 2.55 3.63 14.14
C LYS A 136 3.55 3.95 12.99
C LYS A 136 3.55 3.83 12.98
N ALA A 137 3.02 3.98 11.76
CA ALA A 137 3.85 4.25 10.60
C ALA A 137 4.42 5.67 10.61
N TYR A 138 3.59 6.63 11.02
CA TYR A 138 4.02 8.00 11.10
C TYR A 138 5.16 8.12 12.12
N ASP A 139 4.98 7.52 13.29
CA ASP A 139 6.01 7.62 14.31
C ASP A 139 7.30 6.95 13.83
N ALA A 140 7.17 5.79 13.18
CA ALA A 140 8.35 5.07 12.70
C ALA A 140 9.05 5.87 11.60
N GLY A 141 8.30 6.48 10.69
CA GLY A 141 8.92 7.25 9.62
C GLY A 141 9.57 8.50 10.11
N THR A 142 8.98 9.14 11.10
CA THR A 142 9.55 10.33 11.70
C THR A 142 10.89 9.94 12.35
N GLU A 143 10.92 8.84 13.08
CA GLU A 143 12.15 8.39 13.74
C GLU A 143 13.23 7.99 12.73
N LYS A 144 12.81 7.46 11.60
CA LYS A 144 13.72 6.95 10.57
C LYS A 144 14.40 8.10 9.80
N GLY A 145 13.85 9.30 9.93
CA GLY A 145 14.43 10.46 9.28
C GLY A 145 13.91 10.74 7.88
N LEU A 146 12.75 10.18 7.55
CA LEU A 146 12.14 10.42 6.24
C LEU A 146 11.35 11.71 6.26
N HIS A 147 11.11 12.27 5.07
CA HIS A 147 10.09 13.28 4.91
C HIS A 147 8.76 12.57 4.77
N VAL A 148 7.93 12.68 5.78
CA VAL A 148 6.64 12.01 5.80
C VAL A 148 5.53 13.04 5.78
N ARG A 149 4.60 12.85 4.84
CA ARG A 149 3.42 13.72 4.70
C ARG A 149 2.20 12.86 4.93
N VAL A 150 1.31 13.30 5.78
CA VAL A 150 0.07 12.59 6.06
C VAL A 150 -1.06 13.41 5.48
N GLY A 151 -1.86 12.81 4.61
CA GLY A 151 -2.92 13.56 3.98
C GLY A 151 -3.72 12.75 2.99
N ASN A 152 -4.31 13.47 2.06
CA ASN A 152 -5.25 12.95 1.09
C ASN A 152 -4.55 12.58 -0.22
N VAL A 153 -5.02 11.52 -0.86
CA VAL A 153 -4.55 11.12 -2.19
C VAL A 153 -5.72 10.95 -3.12
N LEU A 154 -5.45 10.91 -4.42
CA LEU A 154 -6.44 10.51 -5.41
C LEU A 154 -6.16 9.09 -5.86
N THR A 155 -7.15 8.22 -5.74
CA THR A 155 -7.15 6.89 -6.35
C THR A 155 -7.81 7.03 -7.69
N ALA A 156 -7.00 6.96 -8.74
CA ALA A 156 -7.48 7.14 -10.10
C ALA A 156 -7.78 5.82 -10.80
N ASP A 157 -8.82 5.78 -11.63
CA ASP A 157 -9.01 4.68 -12.59
C ASP A 157 -8.18 4.86 -13.86
N VAL A 158 -7.88 6.11 -14.19
CA VAL A 158 -7.20 6.37 -15.45
C VAL A 158 -5.87 7.01 -15.19
N PHE A 159 -4.84 6.30 -15.59
CA PHE A 159 -3.48 6.80 -15.54
C PHE A 159 -3.28 7.89 -16.60
N TYR A 160 -3.75 7.63 -17.82
CA TYR A 160 -3.67 8.56 -18.94
C TYR A 160 -4.98 9.29 -19.10
N ARG A 161 -5.04 10.47 -18.53
CA ARG A 161 -6.27 11.22 -18.52
C ARG A 161 -6.15 12.27 -19.61
N GLU A 162 -7.21 12.49 -20.37
CA GLU A 162 -7.14 13.41 -21.48
C GLU A 162 -6.90 14.85 -21.03
N SER A 163 -7.55 15.25 -19.95
CA SER A 163 -7.30 16.54 -19.33
C SER A 163 -6.95 16.34 -17.87
N MET A 164 -5.91 17.02 -17.41
CA MET A 164 -5.57 16.95 -16.00
C MET A 164 -6.21 18.10 -15.19
N ASP A 165 -7.18 18.81 -15.77
CA ASP A 165 -7.83 19.94 -15.06
C ASP A 165 -8.37 19.56 -13.69
N MET A 166 -9.05 18.45 -13.59
CA MET A 166 -9.63 18.04 -12.32
C MET A 166 -8.57 17.57 -11.33
N VAL A 167 -7.50 16.96 -11.80
CA VAL A 167 -6.40 16.59 -10.93
C VAL A 167 -5.74 17.86 -10.37
N LYS A 168 -5.53 18.87 -11.20
CA LYS A 168 -5.00 20.14 -10.71
C LYS A 168 -5.93 20.73 -9.64
N LYS A 169 -7.24 20.69 -9.91
CA LYS A 169 -8.22 21.26 -8.97
C LYS A 169 -8.16 20.51 -7.62
N LEU A 170 -8.07 19.19 -7.65
CA LEU A 170 -7.90 18.42 -6.44
C LEU A 170 -6.64 18.84 -5.68
N GLY A 171 -5.55 19.11 -6.40
CA GLY A 171 -4.35 19.63 -5.77
C GLY A 171 -4.58 20.95 -5.07
N ASP A 172 -5.42 21.79 -5.65
CA ASP A 172 -5.77 23.07 -5.04
C ASP A 172 -6.64 22.91 -3.78
N TYR A 173 -7.16 21.71 -3.58
CA TYR A 173 -7.92 21.36 -2.39
C TYR A 173 -7.12 20.41 -1.50
N GLY A 174 -5.80 20.45 -1.67
CA GLY A 174 -4.91 19.78 -0.73
C GLY A 174 -4.56 18.34 -1.03
N VAL A 175 -5.08 17.77 -2.11
CA VAL A 175 -4.79 16.38 -2.41
C VAL A 175 -3.32 16.30 -2.83
N LEU A 176 -2.59 15.35 -2.23
CA LEU A 176 -1.13 15.34 -2.36
C LEU A 176 -0.58 14.67 -3.61
N ALA A 177 -1.21 13.60 -4.04
CA ALA A 177 -0.63 12.74 -5.04
C ALA A 177 -1.68 11.82 -5.60
N VAL A 178 -1.36 11.25 -6.75
N VAL A 178 -1.35 11.19 -6.72
CA VAL A 178 -2.21 10.28 -7.46
CA VAL A 178 -2.25 10.27 -7.38
C VAL A 178 -1.63 8.87 -7.42
C VAL A 178 -1.65 8.87 -7.50
N GLU A 179 -2.49 7.88 -7.19
CA GLU A 179 -2.13 6.48 -7.25
C GLU A 179 -3.39 5.74 -7.68
N MET A 180 -3.44 4.41 -7.58
CA MET A 180 -4.53 3.68 -8.23
C MET A 180 -5.11 2.53 -7.41
N GLU A 181 -4.96 2.55 -6.09
CA GLU A 181 -5.42 1.41 -5.28
C GLU A 181 -6.05 1.72 -3.93
N THR A 182 -5.72 2.85 -3.33
CA THR A 182 -6.04 3.04 -1.90
C THR A 182 -7.52 3.02 -1.56
N THR A 183 -8.39 3.64 -2.36
CA THR A 183 -9.80 3.60 -2.07
C THR A 183 -10.27 2.17 -1.83
N ALA A 184 -9.85 1.26 -2.70
CA ALA A 184 -10.33 -0.11 -2.59
C ALA A 184 -9.82 -0.80 -1.33
N LEU A 185 -8.54 -0.65 -1.05
CA LEU A 185 -7.97 -1.26 0.14
C LEU A 185 -8.67 -0.75 1.39
N TYR A 186 -8.83 0.56 1.51
CA TYR A 186 -9.42 1.13 2.72
C TYR A 186 -10.89 0.77 2.87
N THR A 187 -11.62 0.75 1.76
CA THR A 187 -13.04 0.45 1.82
C THR A 187 -13.26 -1.01 2.21
N LEU A 188 -12.53 -1.92 1.59
CA LEU A 188 -12.72 -3.34 1.90
C LEU A 188 -12.23 -3.70 3.29
N ALA A 189 -11.13 -3.10 3.72
CA ALA A 189 -10.68 -3.36 5.10
C ALA A 189 -11.73 -2.91 6.09
N ALA A 190 -12.35 -1.75 5.87
CA ALA A 190 -13.41 -1.28 6.75
C ALA A 190 -14.63 -2.20 6.72
N LYS A 191 -15.02 -2.63 5.52
CA LYS A 191 -16.12 -3.57 5.36
C LYS A 191 -15.96 -4.80 6.23
N TYR A 192 -14.74 -5.34 6.27
CA TYR A 192 -14.49 -6.61 6.96
C TYR A 192 -13.91 -6.43 8.36
N GLY A 193 -13.78 -5.19 8.83
CA GLY A 193 -13.34 -4.96 10.19
C GLY A 193 -11.87 -5.24 10.44
N VAL A 194 -11.04 -5.08 9.41
CA VAL A 194 -9.60 -5.30 9.56
C VAL A 194 -8.85 -3.98 9.32
N ASN A 195 -7.53 -3.99 9.45
CA ASN A 195 -6.76 -2.77 9.54
C ASN A 195 -5.93 -2.53 8.31
N ALA A 196 -6.07 -1.36 7.70
CA ALA A 196 -5.33 -1.04 6.49
C ALA A 196 -4.66 0.32 6.52
N LEU A 197 -3.60 0.43 5.74
CA LEU A 197 -2.86 1.65 5.56
C LEU A 197 -2.15 1.62 4.22
N SER A 198 -1.96 2.78 3.61
CA SER A 198 -1.13 2.93 2.40
C SER A 198 0.01 3.86 2.69
N VAL A 199 1.22 3.38 2.44
CA VAL A 199 2.45 4.14 2.62
C VAL A 199 3.11 4.18 1.23
N LEU A 200 3.30 5.39 0.71
N LEU A 200 3.35 5.37 0.69
CA LEU A 200 3.63 5.61 -0.68
CA LEU A 200 3.80 5.47 -0.70
C LEU A 200 4.91 6.38 -0.82
C LEU A 200 4.91 6.48 -0.94
N THR A 201 5.72 6.04 -1.82
N THR A 201 5.91 6.05 -1.70
CA THR A 201 6.87 6.86 -2.18
CA THR A 201 6.99 6.93 -2.11
C THR A 201 6.49 7.70 -3.39
C THR A 201 6.61 7.68 -3.38
N VAL A 202 6.76 9.00 -3.33
CA VAL A 202 6.54 9.85 -4.49
C VAL A 202 7.64 9.57 -5.49
N SER A 203 7.28 9.03 -6.64
CA SER A 203 8.26 8.63 -7.64
C SER A 203 8.29 9.55 -8.84
N ASN A 204 7.31 10.41 -8.99
CA ASN A 204 7.18 11.27 -10.14
C ASN A 204 6.35 12.48 -9.77
N HIS A 205 6.48 13.56 -10.53
CA HIS A 205 5.70 14.74 -10.28
C HIS A 205 4.93 14.98 -11.56
N ILE A 206 3.60 14.99 -11.47
CA ILE A 206 2.72 14.94 -12.63
C ILE A 206 2.73 16.13 -13.58
N PHE A 207 3.05 17.30 -13.07
CA PHE A 207 3.04 18.50 -13.89
C PHE A 207 4.44 18.99 -14.27
N THR A 208 5.45 18.66 -13.46
CA THR A 208 6.82 19.07 -13.77
C THR A 208 7.51 18.07 -14.69
N GLY A 209 7.04 16.83 -14.66
CA GLY A 209 7.59 15.79 -15.52
C GLY A 209 8.78 15.05 -14.90
N GLU A 210 9.10 15.37 -13.65
CA GLU A 210 10.17 14.66 -12.95
C GLU A 210 9.78 13.19 -12.76
N GLU A 211 10.73 12.30 -12.99
CA GLU A 211 10.48 10.86 -12.90
C GLU A 211 11.71 10.17 -12.35
N THR A 212 11.52 9.00 -11.75
CA THR A 212 12.64 8.22 -11.21
C THR A 212 12.58 6.77 -11.61
N THR A 213 13.75 6.13 -11.65
CA THR A 213 13.84 4.68 -11.75
C THR A 213 13.85 4.11 -10.35
N SER A 214 13.61 2.82 -10.22
CA SER A 214 13.62 2.19 -8.90
C SER A 214 14.97 2.42 -8.21
N GLU A 215 16.06 2.29 -8.98
CA GLU A 215 17.40 2.48 -8.44
C GLU A 215 17.58 3.89 -7.90
N GLU A 216 16.99 4.87 -8.58
CA GLU A 216 17.09 6.28 -8.20
C GLU A 216 16.29 6.65 -6.95
N ARG A 217 15.45 5.74 -6.46
CA ARG A 217 14.69 5.98 -5.24
C ARG A 217 14.84 4.83 -4.25
N GLN A 218 15.85 3.99 -4.47
CA GLN A 218 15.98 2.72 -3.75
C GLN A 218 16.23 2.89 -2.25
N THR A 219 17.03 3.89 -1.87
CA THR A 219 17.32 4.08 -0.46
C THR A 219 16.09 4.54 0.29
N THR A 220 15.36 5.48 -0.29
CA THR A 220 14.11 5.99 0.28
C THR A 220 13.10 4.86 0.33
N PHE A 221 12.96 4.14 -0.78
CA PHE A 221 12.03 3.02 -0.84
C PHE A 221 12.34 1.97 0.23
N ASN A 222 13.60 1.61 0.38
CA ASN A 222 13.98 0.62 1.41
C ASN A 222 13.58 1.13 2.80
N GLU A 223 13.88 2.38 3.10
CA GLU A 223 13.48 2.93 4.39
C GLU A 223 11.97 2.90 4.58
N MET A 224 11.22 3.18 3.52
N MET A 224 11.24 3.15 3.49
CA MET A 224 9.77 3.12 3.59
CA MET A 224 9.78 3.14 3.49
C MET A 224 9.27 1.70 3.87
C MET A 224 9.23 1.73 3.78
N ILE A 225 9.86 0.72 3.20
CA ILE A 225 9.50 -0.66 3.47
C ILE A 225 9.78 -1.00 4.94
N GLU A 226 10.89 -0.50 5.46
CA GLU A 226 11.22 -0.77 6.85
C GLU A 226 10.15 -0.24 7.80
N ILE A 227 9.66 0.97 7.55
N ILE A 227 9.63 0.95 7.55
CA ILE A 227 8.64 1.50 8.45
CA ILE A 227 8.66 1.47 8.49
C ILE A 227 7.32 0.75 8.29
C ILE A 227 7.25 0.90 8.26
N ALA A 228 6.98 0.36 7.07
CA ALA A 228 5.76 -0.42 6.84
C ALA A 228 5.83 -1.76 7.57
N LEU A 229 6.98 -2.42 7.50
CA LEU A 229 7.17 -3.68 8.22
C LEU A 229 7.07 -3.46 9.71
N ASP A 230 7.76 -2.41 10.17
N ASP A 230 7.59 -2.36 10.22
CA ASP A 230 7.90 -2.08 11.59
CA ASP A 230 7.38 -2.09 11.63
C ASP A 230 6.55 -1.79 12.22
C ASP A 230 5.89 -1.88 11.94
N ALA A 231 5.66 -1.15 11.47
N ALA A 231 5.18 -1.15 11.08
CA ALA A 231 4.30 -0.93 11.91
CA ALA A 231 3.78 -0.84 11.35
C ALA A 231 3.58 -2.27 11.97
C ALA A 231 2.88 -2.08 11.26
N ALA A 232 3.81 -3.07 10.92
N ALA A 232 3.07 -2.89 10.22
CA ALA A 232 3.14 -4.35 10.78
CA ALA A 232 2.19 -4.05 9.96
C ALA A 232 3.44 -5.27 11.96
C ALA A 232 2.31 -5.17 10.99
N ILE A 233 4.70 -5.34 12.36
N ILE A 233 3.52 -5.38 11.51
CA ILE A 233 5.11 -6.29 13.41
CA ILE A 233 3.83 -6.56 12.34
C ILE A 233 4.70 -5.84 14.81
C ILE A 233 3.54 -6.44 13.83
N GLN A 234 4.12 -4.64 14.92
N GLN A 234 4.49 -5.87 14.55
CA GLN A 234 3.61 -4.17 16.21
CA GLN A 234 4.65 -6.09 15.99
C GLN A 234 2.18 -4.64 16.41
C GLN A 234 3.39 -6.58 16.70
O5' ADN B . 2.03 3.27 -12.80
C5' ADN B . 0.80 3.12 -12.12
C4' ADN B . 0.99 2.45 -10.79
O4' ADN B . 1.93 3.21 -10.00
C3' ADN B . -0.27 2.35 -9.97
O3' ADN B . -0.26 1.15 -9.21
C2' ADN B . -0.22 3.60 -9.07
O2' ADN B . -0.68 3.38 -7.76
C1' ADN B . 1.24 4.07 -9.10
N9 ADN B . 1.43 5.44 -9.60
C8 ADN B . 2.65 6.08 -9.54
N7 ADN B . 2.61 7.26 -10.17
C5 ADN B . 1.37 7.42 -10.66
C6 ADN B . 0.71 8.45 -11.41
N6 ADN B . 1.37 9.56 -11.78
N1 ADN B . -0.57 8.27 -11.72
C2 ADN B . -1.22 7.16 -11.35
N3 ADN B . -0.70 6.14 -10.66
C4 ADN B . 0.61 6.23 -10.29
S SO4 C . 2.69 0.75 -7.24
O1 SO4 C . 1.94 1.89 -6.74
O2 SO4 C . 4.00 1.18 -7.78
O3 SO4 C . 2.84 -0.13 -6.12
O4 SO4 C . 1.95 0.03 -8.34
C1 GOL D . -18.74 -4.98 -3.42
O1 GOL D . -20.05 -5.22 -3.96
C2 GOL D . -18.81 -3.96 -2.29
O2 GOL D . -19.66 -4.49 -1.25
C3 GOL D . -17.45 -3.74 -1.65
O3 GOL D . -17.52 -2.70 -0.65
C1 GOL E . -15.46 -14.38 -1.34
O1 GOL E . -16.64 -14.93 -1.94
C2 GOL E . -14.34 -15.41 -1.49
O2 GOL E . -14.49 -16.44 -0.51
C3 GOL E . -12.99 -14.72 -1.29
O3 GOL E . -11.97 -15.68 -1.55
#